data_2IMP
#
_entry.id   2IMP
#
_cell.length_a   143.034
_cell.length_b   143.034
_cell.length_c   109.364
_cell.angle_alpha   90.00
_cell.angle_beta   90.00
_cell.angle_gamma   120.00
#
_symmetry.space_group_name_H-M   'P 64 2 2'
#
loop_
_entity.id
_entity.type
_entity.pdbx_description
1 polymer 'Lactaldehyde dehydrogenase'
2 non-polymer 'SULFATE ION'
3 non-polymer '1,4-DIHYDRONICOTINAMIDE ADENINE DINUCLEOTIDE'
4 non-polymer 'LACTIC ACID'
5 water water
#
_entity_poly.entity_id   1
_entity_poly.type   'polypeptide(L)'
_entity_poly.pdbx_seq_one_letter_code
;MSVPVQHPMYIDGQFVTWRGDAWIDVVNPATEAVISRIPDGQAEDARKAIDAAERAQPEWEALPAIERASWLRKISAGIR
ERASEISALIVEEGGKIQQLAEVEVAFTADYIDYMAEWARRYEGEIIQSDRPGENILLFKRALGVTTGILPWNFPFFLIA
RKMAPALLTGNTIVIKPSEFTPNNAIAFAKIVDEIGLPRGVFNLVLGRGETVGQELAGNPKVAMVSMTGSVSAGEKIMAT
AAKNITKV(OCS)LELGGKAPAIVMDDADLELAVKAIVDSRVINSGQVCNCAERVYVQKGIYDQFVNRLGEAMQAVQFGN
PAERNDIAMGPLINAAALERVEQKVARAVEEGARVAFGGKAVEGKGYYYPPTLLLDVRQEMSIMHEETFGPVLPVVAFDT
LEDAISMANDSDYGLTSSIYTQNLNVAMKAIKGLKFGETYINRENFEAMQGFHAGWRKSGIGGADGKHGLHEYLQTQVVY
LQS
;
_entity_poly.pdbx_strand_id   A
#
# COMPACT_ATOMS: atom_id res chain seq x y z
N VAL A 3 23.72 4.41 -13.82
CA VAL A 3 24.36 5.28 -14.86
C VAL A 3 25.21 6.42 -14.23
N PRO A 4 24.63 7.21 -13.31
CA PRO A 4 23.26 7.10 -12.80
C PRO A 4 22.31 7.89 -13.74
N VAL A 5 21.36 7.19 -14.34
CA VAL A 5 20.43 7.82 -15.26
C VAL A 5 19.60 8.95 -14.62
N GLN A 6 19.37 10.00 -15.39
CA GLN A 6 18.57 11.13 -14.93
C GLN A 6 17.17 11.06 -15.60
N HIS A 7 16.18 10.71 -14.79
CA HIS A 7 14.82 10.52 -15.29
C HIS A 7 14.00 11.78 -15.61
N PRO A 8 13.19 11.71 -16.68
CA PRO A 8 12.33 12.81 -17.10
C PRO A 8 10.91 12.47 -16.57
N MET A 9 10.04 13.48 -16.53
CA MET A 9 8.67 13.23 -16.12
C MET A 9 7.81 12.81 -17.32
N TYR A 10 6.62 12.31 -17.08
CA TYR A 10 5.75 11.96 -18.18
C TYR A 10 4.48 12.80 -18.14
N ILE A 11 4.44 13.83 -18.99
CA ILE A 11 3.34 14.76 -19.03
C ILE A 11 2.69 14.94 -20.43
N ASP A 12 1.37 14.81 -20.46
CA ASP A 12 0.59 14.95 -21.68
C ASP A 12 1.03 14.07 -22.88
N GLY A 13 1.26 12.79 -22.62
CA GLY A 13 1.62 11.87 -23.69
C GLY A 13 3.06 11.84 -24.16
N GLN A 14 3.96 12.48 -23.43
CA GLN A 14 5.37 12.48 -23.80
C GLN A 14 6.33 12.67 -22.61
N PHE A 15 7.54 12.13 -22.73
CA PHE A 15 8.51 12.34 -21.67
C PHE A 15 9.09 13.75 -21.78
N VAL A 16 9.11 14.48 -20.67
CA VAL A 16 9.63 15.84 -20.67
C VAL A 16 10.93 16.00 -19.87
N THR A 17 12.01 16.35 -20.56
CA THR A 17 13.28 16.55 -19.90
C THR A 17 13.30 17.70 -18.87
N TRP A 18 13.73 17.38 -17.66
CA TRP A 18 13.81 18.35 -16.58
C TRP A 18 14.84 19.48 -16.81
N ARG A 19 14.37 20.72 -16.76
CA ARG A 19 15.25 21.87 -16.95
C ARG A 19 15.76 22.53 -15.65
N GLY A 20 15.25 22.06 -14.52
CA GLY A 20 15.67 22.60 -13.24
C GLY A 20 17.10 22.21 -12.93
N ASP A 21 17.68 22.85 -11.91
CA ASP A 21 19.05 22.55 -11.51
C ASP A 21 19.15 21.56 -10.33
N ALA A 22 18.04 21.39 -9.62
CA ALA A 22 18.01 20.49 -8.48
C ALA A 22 17.52 19.06 -8.79
N TRP A 23 18.31 18.08 -8.34
CA TRP A 23 17.97 16.68 -8.52
C TRP A 23 17.96 15.90 -7.21
N ILE A 24 17.21 14.81 -7.19
CA ILE A 24 17.16 13.96 -6.01
C ILE A 24 17.81 12.60 -6.30
N ASP A 25 18.79 12.21 -5.48
CA ASP A 25 19.45 10.94 -5.69
C ASP A 25 18.64 9.72 -5.22
N VAL A 26 18.54 8.71 -6.07
CA VAL A 26 17.87 7.48 -5.70
C VAL A 26 18.94 6.43 -5.33
N VAL A 27 18.91 5.99 -4.09
CA VAL A 27 19.90 5.06 -3.58
C VAL A 27 19.46 3.59 -3.39
N ASN A 28 20.41 2.68 -3.53
CA ASN A 28 20.16 1.27 -3.30
C ASN A 28 20.29 1.00 -1.79
N PRO A 29 19.16 0.70 -1.12
CA PRO A 29 19.16 0.44 0.32
C PRO A 29 20.14 -0.65 0.83
N ALA A 30 20.59 -1.51 -0.07
CA ALA A 30 21.52 -2.56 0.32
C ALA A 30 23.01 -2.12 0.31
N THR A 31 23.34 -1.24 -0.61
CA THR A 31 24.71 -0.76 -0.78
C THR A 31 24.91 0.76 -0.62
N GLU A 32 23.81 1.50 -0.52
CA GLU A 32 23.86 2.95 -0.39
C GLU A 32 24.42 3.67 -1.64
N ALA A 33 24.57 2.93 -2.73
CA ALA A 33 25.05 3.53 -3.97
C ALA A 33 23.94 4.20 -4.79
N VAL A 34 24.27 5.30 -5.46
CA VAL A 34 23.31 6.03 -6.29
C VAL A 34 22.98 5.30 -7.60
N ILE A 35 21.74 4.82 -7.71
CA ILE A 35 21.32 4.10 -8.89
C ILE A 35 20.61 4.95 -9.97
N SER A 36 20.12 6.10 -9.55
CA SER A 36 19.44 7.02 -10.45
C SER A 36 19.15 8.37 -9.81
N ARG A 37 18.68 9.30 -10.64
CA ARG A 37 18.33 10.62 -10.17
C ARG A 37 17.02 11.14 -10.78
N ILE A 38 16.20 11.78 -9.96
CA ILE A 38 14.95 12.32 -10.44
C ILE A 38 14.83 13.83 -10.18
N PRO A 39 14.07 14.52 -11.01
CA PRO A 39 13.93 15.96 -10.80
C PRO A 39 13.30 16.32 -9.46
N ASP A 40 13.81 17.40 -8.86
CA ASP A 40 13.24 17.90 -7.62
C ASP A 40 12.00 18.74 -7.99
N GLY A 41 11.05 18.04 -8.60
CA GLY A 41 9.81 18.64 -9.07
C GLY A 41 9.18 19.67 -8.18
N GLN A 42 8.42 20.56 -8.80
CA GLN A 42 7.72 21.62 -8.09
C GLN A 42 6.24 21.69 -8.48
N ALA A 43 5.46 22.46 -7.74
CA ALA A 43 4.04 22.60 -8.03
C ALA A 43 3.72 22.83 -9.52
N GLU A 44 4.43 23.75 -10.16
CA GLU A 44 4.20 24.03 -11.58
C GLU A 44 4.24 22.76 -12.47
N ASP A 45 5.15 21.84 -12.16
CA ASP A 45 5.22 20.59 -12.92
C ASP A 45 3.94 19.76 -12.73
N ALA A 46 3.46 19.73 -11.49
CA ALA A 46 2.22 19.03 -11.19
C ALA A 46 1.05 19.68 -11.92
N ARG A 47 1.03 21.01 -11.94
CA ARG A 47 -0.03 21.75 -12.63
C ARG A 47 -0.08 21.44 -14.12
N LYS A 48 1.09 21.35 -14.76
CA LYS A 48 1.14 21.01 -16.17
C LYS A 48 0.52 19.63 -16.43
N ALA A 49 0.84 18.68 -15.56
CA ALA A 49 0.28 17.34 -15.67
C ALA A 49 -1.23 17.34 -15.42
N ILE A 50 -1.65 18.06 -14.39
CA ILE A 50 -3.06 18.17 -14.06
C ILE A 50 -3.85 18.85 -15.20
N ASP A 51 -3.29 19.92 -15.75
CA ASP A 51 -3.95 20.59 -16.87
C ASP A 51 -4.09 19.68 -18.08
N ALA A 52 -3.06 18.87 -18.32
CA ALA A 52 -3.10 17.92 -19.43
C ALA A 52 -4.17 16.84 -19.17
N ALA A 53 -4.23 16.36 -17.94
CA ALA A 53 -5.23 15.36 -17.58
C ALA A 53 -6.66 15.90 -17.75
N GLU A 54 -6.83 17.18 -17.43
CA GLU A 54 -8.12 17.83 -17.58
C GLU A 54 -8.55 17.93 -19.04
N ARG A 55 -7.61 18.33 -19.92
CA ARG A 55 -7.92 18.43 -21.34
C ARG A 55 -8.34 17.08 -21.97
N ALA A 56 -7.73 16.00 -21.50
CA ALA A 56 -8.02 14.67 -22.05
C ALA A 56 -9.23 13.94 -21.44
N GLN A 57 -9.64 14.34 -20.25
CA GLN A 57 -10.72 13.66 -19.55
C GLN A 57 -12.08 13.52 -20.31
N PRO A 58 -12.62 14.62 -20.88
CA PRO A 58 -13.90 14.52 -21.60
C PRO A 58 -13.88 13.44 -22.70
N GLU A 59 -12.87 13.48 -23.57
CA GLU A 59 -12.72 12.50 -24.63
C GLU A 59 -12.55 11.06 -24.10
N TRP A 60 -11.78 10.94 -23.01
CA TRP A 60 -11.54 9.64 -22.40
C TRP A 60 -12.84 9.06 -21.81
N GLU A 61 -13.55 9.86 -21.02
CA GLU A 61 -14.82 9.38 -20.47
C GLU A 61 -15.85 9.07 -21.58
N ALA A 62 -15.77 9.83 -22.68
CA ALA A 62 -16.68 9.61 -23.80
C ALA A 62 -16.48 8.25 -24.50
N LEU A 63 -15.28 7.69 -24.34
CA LEU A 63 -15.00 6.38 -24.91
C LEU A 63 -15.82 5.27 -24.23
N PRO A 64 -16.37 4.33 -25.02
CA PRO A 64 -17.15 3.26 -24.39
C PRO A 64 -16.22 2.60 -23.34
N ALA A 65 -16.77 2.16 -22.21
CA ALA A 65 -15.96 1.55 -21.17
C ALA A 65 -15.08 0.37 -21.65
N ILE A 66 -15.62 -0.47 -22.53
CA ILE A 66 -14.82 -1.59 -23.00
C ILE A 66 -13.54 -1.14 -23.73
N GLU A 67 -13.59 0.04 -24.36
CA GLU A 67 -12.41 0.54 -25.03
C GLU A 67 -11.33 1.01 -24.02
N ARG A 68 -11.78 1.54 -22.88
CA ARG A 68 -10.81 1.92 -21.87
C ARG A 68 -10.17 0.64 -21.28
N ALA A 69 -11.01 -0.39 -21.14
CA ALA A 69 -10.52 -1.67 -20.66
C ALA A 69 -9.44 -2.23 -21.63
N SER A 70 -9.71 -2.09 -22.92
CA SER A 70 -8.76 -2.55 -23.93
C SER A 70 -7.39 -1.86 -23.74
N TRP A 71 -7.42 -0.56 -23.46
CA TRP A 71 -6.19 0.17 -23.20
C TRP A 71 -5.45 -0.37 -21.95
N LEU A 72 -6.22 -0.66 -20.91
CA LEU A 72 -5.65 -1.22 -19.69
C LEU A 72 -5.00 -2.59 -19.93
N ARG A 73 -5.65 -3.42 -20.73
CA ARG A 73 -5.09 -4.73 -21.05
C ARG A 73 -3.76 -4.65 -21.82
N LYS A 74 -3.63 -3.61 -22.65
CA LYS A 74 -2.39 -3.41 -23.37
C LYS A 74 -1.25 -3.09 -22.40
N ILE A 75 -1.59 -2.33 -21.35
CA ILE A 75 -0.60 -1.98 -20.35
C ILE A 75 -0.14 -3.22 -19.54
N SER A 76 -1.09 -4.03 -19.09
CA SER A 76 -0.72 -5.22 -18.34
C SER A 76 0.15 -6.15 -19.19
N ALA A 77 -0.22 -6.29 -20.46
CA ALA A 77 0.56 -7.12 -21.37
C ALA A 77 1.99 -6.57 -21.53
N GLY A 78 2.12 -5.25 -21.52
CA GLY A 78 3.43 -4.62 -21.64
C GLY A 78 4.24 -4.93 -20.39
N ILE A 79 3.58 -4.92 -19.24
CA ILE A 79 4.23 -5.22 -17.97
C ILE A 79 4.79 -6.67 -17.91
N ARG A 80 3.98 -7.64 -18.31
CA ARG A 80 4.43 -9.02 -18.30
C ARG A 80 5.65 -9.23 -19.23
N GLU A 81 5.67 -8.52 -20.36
CA GLU A 81 6.79 -8.60 -21.29
C GLU A 81 8.13 -8.11 -20.67
N ARG A 82 8.03 -7.15 -19.77
CA ARG A 82 9.20 -6.59 -19.10
C ARG A 82 9.30 -6.98 -17.60
N ALA A 83 8.57 -8.02 -17.21
CA ALA A 83 8.54 -8.48 -15.83
C ALA A 83 9.91 -8.55 -15.09
N SER A 84 10.83 -9.34 -15.62
CA SER A 84 12.14 -9.46 -14.98
C SER A 84 12.87 -8.10 -14.86
N GLU A 85 12.76 -7.28 -15.89
CA GLU A 85 13.38 -5.96 -15.87
C GLU A 85 12.82 -5.08 -14.73
N ILE A 86 11.48 -5.06 -14.61
CA ILE A 86 10.82 -4.30 -13.57
C ILE A 86 11.07 -4.86 -12.15
N SER A 87 11.07 -6.19 -12.05
CA SER A 87 11.34 -6.84 -10.77
C SER A 87 12.72 -6.43 -10.21
N ALA A 88 13.70 -6.40 -11.11
CA ALA A 88 15.06 -6.00 -10.75
C ALA A 88 15.10 -4.55 -10.25
N LEU A 89 14.32 -3.69 -10.91
CA LEU A 89 14.24 -2.30 -10.50
C LEU A 89 13.71 -2.18 -9.07
N ILE A 90 12.67 -2.95 -8.79
CA ILE A 90 12.08 -2.95 -7.46
C ILE A 90 13.07 -3.48 -6.41
N VAL A 91 13.72 -4.60 -6.73
CA VAL A 91 14.74 -5.17 -5.85
C VAL A 91 15.82 -4.13 -5.51
N GLU A 92 16.36 -3.53 -6.57
CA GLU A 92 17.41 -2.53 -6.48
C GLU A 92 17.09 -1.27 -5.65
N GLU A 93 15.92 -0.66 -5.87
CA GLU A 93 15.57 0.54 -5.13
C GLU A 93 14.72 0.31 -3.85
N GLY A 94 13.92 -0.76 -3.85
CA GLY A 94 13.08 -1.04 -2.70
C GLY A 94 13.70 -1.98 -1.67
N GLY A 95 14.75 -2.69 -2.07
CA GLY A 95 15.40 -3.59 -1.15
C GLY A 95 14.64 -4.87 -0.82
N LYS A 96 13.60 -5.19 -1.57
CA LYS A 96 12.89 -6.42 -1.30
C LYS A 96 13.51 -7.64 -2.02
N ILE A 97 13.35 -8.82 -1.45
CA ILE A 97 13.91 -10.03 -2.05
C ILE A 97 13.35 -10.36 -3.44
N GLN A 98 14.22 -10.90 -4.29
CA GLN A 98 13.85 -11.25 -5.66
C GLN A 98 12.48 -11.94 -5.81
N GLN A 99 12.21 -12.93 -4.97
CA GLN A 99 10.95 -13.64 -5.06
C GLN A 99 9.70 -12.77 -4.86
N LEU A 100 9.76 -11.85 -3.91
CA LEU A 100 8.63 -10.98 -3.67
C LEU A 100 8.46 -9.92 -4.76
N ALA A 101 9.57 -9.39 -5.26
CA ALA A 101 9.52 -8.43 -6.34
C ALA A 101 8.81 -9.07 -7.55
N GLU A 102 9.23 -10.29 -7.89
CA GLU A 102 8.61 -11.02 -8.99
C GLU A 102 7.09 -11.18 -8.79
N VAL A 103 6.69 -11.55 -7.58
CA VAL A 103 5.29 -11.68 -7.29
C VAL A 103 4.53 -10.34 -7.44
N GLU A 104 5.11 -9.28 -6.88
CA GLU A 104 4.48 -7.98 -7.02
C GLU A 104 4.21 -7.59 -8.50
N VAL A 105 5.21 -7.78 -9.35
CA VAL A 105 5.05 -7.48 -10.77
C VAL A 105 3.95 -8.32 -11.45
N ALA A 106 4.00 -9.63 -11.26
CA ALA A 106 2.99 -10.51 -11.83
C ALA A 106 1.58 -10.16 -11.28
N PHE A 107 1.50 -9.92 -9.98
CA PHE A 107 0.22 -9.57 -9.35
C PHE A 107 -0.35 -8.23 -9.89
N THR A 108 0.54 -7.26 -10.10
CA THR A 108 0.15 -5.98 -10.63
C THR A 108 -0.53 -6.11 -12.02
N ALA A 109 0.06 -6.95 -12.87
CA ALA A 109 -0.50 -7.19 -14.19
C ALA A 109 -1.87 -7.88 -14.08
N ASP A 110 -1.97 -8.89 -13.22
CA ASP A 110 -3.25 -9.57 -13.03
C ASP A 110 -4.31 -8.61 -12.45
N TYR A 111 -3.87 -7.74 -11.53
CA TYR A 111 -4.78 -6.77 -10.93
C TYR A 111 -5.37 -5.82 -11.99
N ILE A 112 -4.52 -5.32 -12.89
CA ILE A 112 -4.98 -4.45 -13.95
C ILE A 112 -6.02 -5.15 -14.85
N ASP A 113 -5.72 -6.39 -15.26
CA ASP A 113 -6.65 -7.16 -16.05
C ASP A 113 -7.98 -7.35 -15.30
N TYR A 114 -7.90 -7.70 -14.02
CA TYR A 114 -9.08 -7.87 -13.19
C TYR A 114 -9.94 -6.59 -13.19
N MET A 115 -9.30 -5.45 -12.95
CA MET A 115 -10.02 -4.18 -12.95
C MET A 115 -10.65 -3.84 -14.32
N ALA A 116 -9.94 -4.13 -15.41
CA ALA A 116 -10.46 -3.87 -16.74
C ALA A 116 -11.80 -4.62 -16.99
N GLU A 117 -11.97 -5.74 -16.28
CA GLU A 117 -13.16 -6.54 -16.40
C GLU A 117 -14.44 -5.86 -15.85
N TRP A 118 -14.26 -4.76 -15.12
CA TRP A 118 -15.41 -4.02 -14.59
C TRP A 118 -16.13 -3.17 -15.65
N ALA A 119 -15.48 -2.98 -16.80
CA ALA A 119 -16.01 -2.16 -17.88
C ALA A 119 -17.54 -2.22 -18.12
N ARG A 120 -18.06 -3.40 -18.42
CA ARG A 120 -19.49 -3.56 -18.68
C ARG A 120 -20.29 -3.98 -17.43
N ARG A 121 -19.65 -3.91 -16.27
CA ARG A 121 -20.29 -4.35 -15.03
C ARG A 121 -20.72 -3.31 -13.98
N TYR A 122 -19.99 -2.20 -13.83
CA TYR A 122 -20.44 -1.25 -12.84
C TYR A 122 -21.80 -0.67 -13.23
N GLU A 123 -22.76 -0.78 -12.32
CA GLU A 123 -24.13 -0.37 -12.62
C GLU A 123 -24.69 0.89 -11.95
N GLY A 124 -25.56 1.57 -12.71
CA GLY A 124 -26.25 2.73 -12.23
C GLY A 124 -27.56 2.09 -11.75
N GLU A 125 -28.52 2.89 -11.30
CA GLU A 125 -29.77 2.30 -10.83
C GLU A 125 -31.03 3.05 -11.25
N ILE A 126 -32.13 2.31 -11.31
CA ILE A 126 -33.43 2.89 -11.62
C ILE A 126 -34.32 2.76 -10.37
N ILE A 127 -34.66 3.91 -9.79
CA ILE A 127 -35.41 3.97 -8.55
C ILE A 127 -36.88 4.36 -8.69
N GLN A 128 -37.75 3.60 -8.01
CA GLN A 128 -39.17 3.90 -8.03
C GLN A 128 -39.46 5.28 -7.42
N SER A 129 -40.29 6.06 -8.11
CA SER A 129 -40.65 7.37 -7.63
C SER A 129 -42.06 7.43 -7.01
N ASP A 130 -42.30 8.40 -6.13
CA ASP A 130 -43.62 8.56 -5.54
C ASP A 130 -44.56 9.33 -6.51
N ARG A 131 -43.95 9.97 -7.51
CA ARG A 131 -44.67 10.75 -8.50
C ARG A 131 -45.10 10.00 -9.75
N PRO A 132 -46.40 10.08 -10.10
CA PRO A 132 -46.96 9.41 -11.27
C PRO A 132 -46.18 9.80 -12.56
N GLY A 133 -45.82 8.80 -13.35
CA GLY A 133 -45.12 9.07 -14.59
C GLY A 133 -43.67 9.54 -14.49
N GLU A 134 -43.12 9.55 -13.28
CA GLU A 134 -41.73 9.98 -13.13
C GLU A 134 -40.73 8.82 -13.00
N ASN A 135 -39.59 8.98 -13.66
CA ASN A 135 -38.51 8.01 -13.59
C ASN A 135 -37.28 8.59 -12.89
N ILE A 136 -36.78 7.92 -11.86
CA ILE A 136 -35.60 8.38 -11.18
C ILE A 136 -34.38 7.55 -11.62
N LEU A 137 -33.55 8.16 -12.46
CA LEU A 137 -32.39 7.49 -13.00
C LEU A 137 -31.08 7.89 -12.31
N LEU A 138 -30.41 6.92 -11.70
CA LEU A 138 -29.15 7.18 -11.04
C LEU A 138 -27.96 6.65 -11.85
N PHE A 139 -27.27 7.56 -12.52
CA PHE A 139 -26.11 7.20 -13.32
C PHE A 139 -24.79 7.27 -12.55
N LYS A 140 -23.86 6.42 -12.94
CA LYS A 140 -22.52 6.43 -12.35
C LYS A 140 -21.55 7.16 -13.30
N ARG A 141 -21.06 8.31 -12.88
CA ARG A 141 -20.14 9.10 -13.70
C ARG A 141 -18.73 9.17 -13.14
N ALA A 142 -17.76 9.49 -13.99
CA ALA A 142 -16.39 9.64 -13.55
C ALA A 142 -16.24 10.91 -12.68
N LEU A 143 -15.21 10.96 -11.85
CA LEU A 143 -14.97 12.13 -11.04
C LEU A 143 -14.35 13.27 -11.87
N GLY A 144 -13.49 12.86 -12.79
CA GLY A 144 -12.80 13.81 -13.65
C GLY A 144 -11.32 13.56 -13.52
N VAL A 145 -10.59 14.55 -13.02
CA VAL A 145 -9.15 14.39 -12.83
C VAL A 145 -8.80 13.90 -11.42
N THR A 146 -8.03 12.82 -11.35
CA THR A 146 -7.61 12.29 -10.05
C THR A 146 -6.08 12.20 -9.92
N THR A 147 -5.60 12.15 -8.68
CA THR A 147 -4.17 12.06 -8.45
C THR A 147 -3.81 10.92 -7.49
N GLY A 148 -2.61 10.39 -7.66
CA GLY A 148 -2.16 9.30 -6.82
C GLY A 148 -0.76 9.56 -6.28
N ILE A 149 -0.64 9.45 -4.97
CA ILE A 149 0.63 9.65 -4.29
C ILE A 149 1.07 8.31 -3.67
N LEU A 150 2.18 7.76 -4.15
CA LEU A 150 2.62 6.45 -3.70
C LEU A 150 3.79 6.37 -2.67
N PRO A 151 3.79 5.29 -1.86
CA PRO A 151 4.79 5.01 -0.83
C PRO A 151 5.92 4.14 -1.42
N TRP A 152 6.94 3.83 -0.62
CA TRP A 152 8.05 3.00 -1.08
C TRP A 152 7.79 1.48 -1.07
N ASN A 153 6.84 1.06 -0.24
CA ASN A 153 6.47 -0.35 -0.14
C ASN A 153 5.44 -0.76 -1.22
N PHE A 154 5.70 -1.85 -1.92
CA PHE A 154 4.82 -2.25 -3.02
C PHE A 154 4.55 -1.06 -3.96
N PRO A 155 5.61 -0.32 -4.30
CA PRO A 155 5.55 0.86 -5.17
C PRO A 155 4.92 0.61 -6.55
N PHE A 156 5.28 -0.51 -7.18
CA PHE A 156 4.76 -0.83 -8.50
C PHE A 156 3.26 -1.15 -8.46
N PHE A 157 2.90 -2.11 -7.61
CA PHE A 157 1.51 -2.49 -7.46
C PHE A 157 0.60 -1.27 -7.15
N LEU A 158 1.04 -0.42 -6.22
CA LEU A 158 0.24 0.73 -5.88
C LEU A 158 -0.05 1.69 -7.06
N ILE A 159 0.81 1.66 -8.08
CA ILE A 159 0.53 2.47 -9.25
C ILE A 159 -0.79 1.98 -9.89
N ALA A 160 -0.86 0.66 -10.08
CA ALA A 160 -2.03 0.04 -10.67
C ALA A 160 -3.26 0.11 -9.76
N ARG A 161 -3.04 -0.09 -8.47
CA ARG A 161 -4.14 -0.05 -7.51
C ARG A 161 -4.96 1.26 -7.60
N LYS A 162 -4.29 2.33 -8.04
CA LYS A 162 -4.98 3.60 -8.19
C LYS A 162 -5.37 3.93 -9.66
N MET A 163 -4.42 3.81 -10.59
CA MET A 163 -4.69 4.12 -11.99
C MET A 163 -5.67 3.16 -12.74
N ALA A 164 -5.64 1.88 -12.42
CA ALA A 164 -6.53 0.92 -13.08
C ALA A 164 -8.03 1.25 -12.88
N PRO A 165 -8.48 1.37 -11.62
CA PRO A 165 -9.90 1.69 -11.35
C PRO A 165 -10.20 3.11 -11.90
N ALA A 166 -9.27 4.02 -11.69
CA ALA A 166 -9.43 5.39 -12.17
C ALA A 166 -9.70 5.48 -13.69
N LEU A 167 -8.81 4.89 -14.47
CA LEU A 167 -8.98 4.90 -15.92
C LEU A 167 -10.22 4.14 -16.44
N LEU A 168 -10.45 2.96 -15.87
CA LEU A 168 -11.59 2.15 -16.26
C LEU A 168 -12.93 2.92 -16.20
N THR A 169 -13.11 3.67 -15.12
CA THR A 169 -14.32 4.45 -14.90
C THR A 169 -14.40 5.81 -15.64
N GLY A 170 -13.40 6.10 -16.47
CA GLY A 170 -13.42 7.34 -17.22
C GLY A 170 -12.68 8.54 -16.66
N ASN A 171 -11.92 8.34 -15.59
CA ASN A 171 -11.13 9.42 -15.01
C ASN A 171 -9.73 9.46 -15.63
N THR A 172 -9.07 10.61 -15.52
CA THR A 172 -7.68 10.69 -15.95
C THR A 172 -6.84 10.79 -14.68
N ILE A 173 -5.55 10.53 -14.75
CA ILE A 173 -4.78 10.57 -13.52
C ILE A 173 -3.34 11.10 -13.64
N VAL A 174 -2.89 11.66 -12.52
CA VAL A 174 -1.53 12.15 -12.37
C VAL A 174 -0.92 11.46 -11.16
N ILE A 175 0.11 10.68 -11.40
CA ILE A 175 0.76 9.95 -10.33
C ILE A 175 2.16 10.45 -9.93
N LYS A 176 2.41 10.44 -8.63
CA LYS A 176 3.73 10.77 -8.09
C LYS A 176 4.24 9.63 -7.23
N PRO A 177 5.29 8.93 -7.71
CA PRO A 177 5.80 7.83 -6.90
C PRO A 177 6.62 8.40 -5.72
N SER A 178 6.97 7.55 -4.77
CA SER A 178 7.81 8.00 -3.67
C SER A 178 9.19 8.40 -4.21
N GLU A 179 9.82 9.41 -3.63
CA GLU A 179 11.14 9.82 -4.09
C GLU A 179 12.21 8.73 -3.89
N PHE A 180 11.91 7.75 -3.05
CA PHE A 180 12.81 6.65 -2.77
C PHE A 180 12.70 5.47 -3.75
N THR A 181 11.53 5.35 -4.39
CA THR A 181 11.29 4.27 -5.33
C THR A 181 10.56 4.71 -6.64
N PRO A 182 11.17 5.65 -7.38
CA PRO A 182 10.56 6.13 -8.63
C PRO A 182 10.89 5.33 -9.91
N ASN A 183 11.98 4.57 -9.88
CA ASN A 183 12.41 3.80 -11.04
C ASN A 183 11.36 2.86 -11.64
N ASN A 184 10.72 2.07 -10.78
CA ASN A 184 9.69 1.17 -11.25
C ASN A 184 8.54 1.95 -11.91
N ALA A 185 8.30 3.16 -11.41
CA ALA A 185 7.26 4.02 -11.95
C ALA A 185 7.62 4.58 -13.34
N ILE A 186 8.90 4.86 -13.55
CA ILE A 186 9.36 5.33 -14.84
C ILE A 186 9.16 4.21 -15.88
N ALA A 187 9.47 2.98 -15.46
CA ALA A 187 9.28 1.84 -16.34
C ALA A 187 7.77 1.68 -16.68
N PHE A 188 6.92 1.95 -15.71
CA PHE A 188 5.48 1.89 -15.96
C PHE A 188 5.07 2.93 -17.01
N ALA A 189 5.62 4.14 -16.88
CA ALA A 189 5.33 5.21 -17.84
C ALA A 189 5.81 4.87 -19.27
N LYS A 190 6.97 4.23 -19.37
CA LYS A 190 7.49 3.85 -20.68
C LYS A 190 6.53 2.89 -21.40
N ILE A 191 5.93 1.98 -20.64
CA ILE A 191 4.96 1.05 -21.20
C ILE A 191 3.71 1.80 -21.71
N VAL A 192 3.25 2.74 -20.89
CA VAL A 192 2.11 3.56 -21.27
C VAL A 192 2.40 4.34 -22.55
N ASP A 193 3.61 4.89 -22.63
CA ASP A 193 4.01 5.63 -23.80
C ASP A 193 4.14 4.74 -25.06
N GLU A 194 4.76 3.58 -24.88
CA GLU A 194 4.94 2.64 -25.97
C GLU A 194 3.65 2.09 -26.59
N ILE A 195 2.65 1.80 -25.76
CA ILE A 195 1.39 1.28 -26.29
C ILE A 195 0.47 2.37 -26.86
N GLY A 196 0.87 3.62 -26.66
CA GLY A 196 0.10 4.73 -27.19
C GLY A 196 -1.13 5.22 -26.46
N LEU A 197 -1.24 4.99 -25.16
CA LEU A 197 -2.40 5.48 -24.42
C LEU A 197 -2.68 6.97 -24.74
N PRO A 198 -3.95 7.31 -25.02
CA PRO A 198 -4.26 8.71 -25.34
C PRO A 198 -3.56 9.69 -24.37
N ARG A 199 -2.93 10.72 -24.95
CA ARG A 199 -2.22 11.72 -24.18
C ARG A 199 -3.04 12.36 -23.04
N GLY A 200 -2.39 12.56 -21.89
CA GLY A 200 -3.06 13.18 -20.77
C GLY A 200 -3.80 12.23 -19.82
N VAL A 201 -4.17 11.04 -20.29
CA VAL A 201 -4.88 10.10 -19.44
C VAL A 201 -4.04 9.59 -18.25
N PHE A 202 -2.78 9.29 -18.52
CA PHE A 202 -1.83 8.86 -17.50
C PHE A 202 -0.60 9.77 -17.48
N ASN A 203 -0.37 10.43 -16.35
CA ASN A 203 0.76 11.33 -16.19
C ASN A 203 1.64 10.97 -14.97
N LEU A 204 2.94 11.10 -15.13
CA LEU A 204 3.84 10.81 -14.03
C LEU A 204 4.70 12.01 -13.63
N VAL A 205 4.52 12.51 -12.42
CA VAL A 205 5.35 13.62 -11.96
C VAL A 205 6.31 13.17 -10.86
N LEU A 206 7.50 13.77 -10.82
CA LEU A 206 8.51 13.36 -9.85
C LEU A 206 8.96 14.43 -8.86
N GLY A 207 9.10 14.04 -7.60
CA GLY A 207 9.53 14.99 -6.58
C GLY A 207 9.19 14.60 -5.16
N ARG A 208 9.34 15.56 -4.25
CA ARG A 208 9.06 15.35 -2.84
C ARG A 208 7.57 15.52 -2.48
N GLY A 209 7.22 15.08 -1.28
CA GLY A 209 5.86 15.20 -0.83
C GLY A 209 5.43 16.63 -0.56
N GLU A 210 6.26 17.36 0.19
CA GLU A 210 5.99 18.75 0.54
C GLU A 210 5.74 19.67 -0.68
N THR A 211 6.37 19.36 -1.80
CA THR A 211 6.23 20.15 -3.02
C THR A 211 5.19 19.58 -4.03
N VAL A 212 5.63 18.62 -4.83
CA VAL A 212 4.76 18.01 -5.82
C VAL A 212 3.51 17.33 -5.19
N GLY A 213 3.73 16.55 -4.13
CA GLY A 213 2.63 15.87 -3.47
C GLY A 213 1.55 16.84 -3.03
N GLN A 214 1.95 17.94 -2.41
CA GLN A 214 0.99 18.93 -1.94
C GLN A 214 0.17 19.56 -3.08
N GLU A 215 0.82 19.77 -4.24
CA GLU A 215 0.09 20.34 -5.38
C GLU A 215 -0.95 19.33 -5.94
N LEU A 216 -0.63 18.04 -5.86
CA LEU A 216 -1.56 17.02 -6.30
C LEU A 216 -2.78 16.91 -5.36
N ALA A 217 -2.61 17.38 -4.13
CA ALA A 217 -3.68 17.36 -3.15
C ALA A 217 -4.48 18.69 -3.09
N GLY A 218 -3.77 19.80 -3.33
CA GLY A 218 -4.40 21.10 -3.25
C GLY A 218 -4.88 21.78 -4.52
N ASN A 219 -4.55 21.24 -5.68
CA ASN A 219 -5.01 21.86 -6.92
C ASN A 219 -6.55 21.73 -7.09
N PRO A 220 -7.24 22.86 -7.32
CA PRO A 220 -8.70 22.90 -7.50
C PRO A 220 -9.28 22.05 -8.65
N LYS A 221 -8.46 21.70 -9.64
CA LYS A 221 -8.94 20.89 -10.75
C LYS A 221 -9.00 19.38 -10.43
N VAL A 222 -8.41 19.00 -9.31
CA VAL A 222 -8.41 17.60 -8.89
C VAL A 222 -9.72 17.20 -8.17
N ALA A 223 -10.43 16.22 -8.72
CA ALA A 223 -11.68 15.75 -8.11
C ALA A 223 -11.42 14.86 -6.86
N MET A 224 -10.33 14.10 -6.91
CA MET A 224 -9.95 13.23 -5.80
C MET A 224 -8.46 12.93 -5.71
N VAL A 225 -7.93 12.98 -4.50
CA VAL A 225 -6.54 12.65 -4.28
C VAL A 225 -6.41 11.30 -3.53
N SER A 226 -5.69 10.37 -4.13
CA SER A 226 -5.50 9.06 -3.53
C SER A 226 -4.07 8.85 -3.06
N MET A 227 -3.91 8.43 -1.82
CA MET A 227 -2.58 8.23 -1.28
C MET A 227 -2.42 7.07 -0.29
N THR A 228 -1.27 6.42 -0.37
CA THR A 228 -0.94 5.33 0.53
C THR A 228 0.42 5.62 1.19
N GLY A 229 0.51 5.38 2.51
CA GLY A 229 1.75 5.64 3.22
C GLY A 229 1.58 5.96 4.71
N SER A 230 2.38 6.90 5.21
CA SER A 230 2.34 7.27 6.63
C SER A 230 1.13 8.13 7.04
N VAL A 231 0.67 7.95 8.27
CA VAL A 231 -0.46 8.71 8.79
C VAL A 231 -0.15 10.23 8.83
N SER A 232 1.12 10.57 9.06
CA SER A 232 1.53 11.96 9.11
C SER A 232 1.33 12.67 7.75
N ALA A 233 1.74 11.99 6.67
CA ALA A 233 1.57 12.54 5.34
C ALA A 233 0.07 12.59 4.94
N GLY A 234 -0.67 11.55 5.35
CA GLY A 234 -2.09 11.49 5.05
C GLY A 234 -2.81 12.68 5.67
N GLU A 235 -2.40 13.04 6.89
CA GLU A 235 -3.01 14.18 7.57
C GLU A 235 -2.78 15.50 6.81
N LYS A 236 -1.55 15.69 6.34
CA LYS A 236 -1.20 16.88 5.59
C LYS A 236 -1.93 16.94 4.25
N ILE A 237 -2.10 15.76 3.63
CA ILE A 237 -2.80 15.65 2.37
C ILE A 237 -4.28 16.01 2.51
N MET A 238 -4.92 15.44 3.53
CA MET A 238 -6.33 15.72 3.75
C MET A 238 -6.58 17.18 4.15
N ALA A 239 -5.72 17.72 5.01
CA ALA A 239 -5.87 19.11 5.41
C ALA A 239 -5.81 20.04 4.19
N THR A 240 -4.89 19.74 3.28
CA THR A 240 -4.76 20.54 2.06
C THR A 240 -5.94 20.35 1.11
N ALA A 241 -6.42 19.12 1.00
CA ALA A 241 -7.57 18.84 0.15
C ALA A 241 -8.82 19.60 0.63
N ALA A 242 -8.89 19.81 1.95
CA ALA A 242 -10.00 20.52 2.56
C ALA A 242 -10.25 21.91 1.95
N LYS A 243 -9.19 22.60 1.59
CA LYS A 243 -9.29 23.93 0.99
C LYS A 243 -10.26 24.00 -0.22
N ASN A 244 -10.32 22.91 -0.98
CA ASN A 244 -11.20 22.86 -2.14
C ASN A 244 -12.29 21.78 -2.01
N ILE A 245 -12.47 21.28 -0.78
CA ILE A 245 -13.44 20.22 -0.55
C ILE A 245 -13.16 19.02 -1.49
N THR A 246 -11.88 18.76 -1.71
CA THR A 246 -11.45 17.66 -2.57
C THR A 246 -11.58 16.28 -1.90
N LYS A 247 -12.22 15.35 -2.60
CA LYS A 247 -12.36 14.01 -2.06
C LYS A 247 -11.01 13.35 -1.81
N VAL A 248 -10.90 12.63 -0.69
CA VAL A 248 -9.67 11.92 -0.40
C VAL A 248 -9.86 10.40 -0.24
N LEU A 250 -7.49 7.48 1.33
CA LEU A 250 -6.25 7.20 2.04
C LEU A 250 -6.12 5.82 2.71
N GLU A 251 -4.91 5.32 2.65
CA GLU A 251 -4.52 4.07 3.28
C GLU A 251 -3.21 4.37 4.06
N LEU A 252 -3.32 4.45 5.38
CA LEU A 252 -2.17 4.84 6.19
C LEU A 252 -1.54 3.76 7.10
N GLY A 253 -1.54 2.51 6.64
CA GLY A 253 -0.94 1.43 7.43
C GLY A 253 -1.50 1.24 8.82
N GLY A 254 -0.64 0.80 9.75
CA GLY A 254 -1.06 0.58 11.12
C GLY A 254 -0.20 -0.36 11.95
N LYS A 255 -0.86 -1.14 12.80
CA LYS A 255 -0.25 -2.13 13.70
C LYS A 255 -1.05 -3.46 13.78
N ALA A 256 -1.07 -4.19 12.66
CA ALA A 256 -1.81 -5.45 12.57
C ALA A 256 -1.63 -6.42 13.75
N PRO A 257 -2.70 -6.64 14.54
CA PRO A 257 -2.54 -7.56 15.66
C PRO A 257 -2.92 -9.02 15.29
N ALA A 258 -2.23 -9.97 15.90
CA ALA A 258 -2.48 -11.39 15.69
C ALA A 258 -2.82 -12.12 17.01
N ILE A 259 -3.93 -12.84 17.03
CA ILE A 259 -4.36 -13.56 18.21
C ILE A 259 -4.23 -15.10 18.11
N VAL A 260 -3.36 -15.66 18.94
CA VAL A 260 -3.13 -17.11 18.98
C VAL A 260 -3.79 -17.78 20.20
N MET A 261 -4.87 -18.51 19.98
CA MET A 261 -5.55 -19.20 21.06
C MET A 261 -4.86 -20.52 21.46
N ASP A 262 -5.22 -21.07 22.62
CA ASP A 262 -4.63 -22.33 23.05
C ASP A 262 -4.95 -23.50 22.10
N ASP A 263 -6.20 -23.54 21.65
CA ASP A 263 -6.67 -24.58 20.75
C ASP A 263 -6.28 -24.31 19.29
N ALA A 264 -5.24 -23.53 19.08
CA ALA A 264 -4.79 -23.18 17.75
C ALA A 264 -3.71 -24.09 17.16
N ASP A 265 -3.81 -24.34 15.86
CA ASP A 265 -2.82 -25.15 15.17
C ASP A 265 -1.45 -24.45 15.26
N LEU A 266 -0.69 -24.77 16.31
CA LEU A 266 0.61 -24.17 16.53
C LEU A 266 1.50 -24.05 15.27
N GLU A 267 1.61 -25.15 14.52
CA GLU A 267 2.41 -25.15 13.31
C GLU A 267 1.93 -24.08 12.29
N LEU A 268 0.63 -24.09 12.02
CA LEU A 268 0.02 -23.15 11.11
C LEU A 268 0.25 -21.68 11.54
N ALA A 269 -0.08 -21.40 12.80
CA ALA A 269 0.08 -20.06 13.35
C ALA A 269 1.51 -19.50 13.19
N VAL A 270 2.50 -20.26 13.64
CA VAL A 270 3.89 -19.81 13.52
C VAL A 270 4.31 -19.52 12.07
N LYS A 271 3.98 -20.45 11.18
CA LYS A 271 4.30 -20.28 9.77
C LYS A 271 3.59 -19.03 9.17
N ALA A 272 2.31 -18.88 9.49
CA ALA A 272 1.55 -17.75 9.02
C ALA A 272 2.12 -16.39 9.47
N ILE A 273 2.60 -16.35 10.71
CA ILE A 273 3.18 -15.13 11.25
C ILE A 273 4.58 -14.79 10.71
N VAL A 274 5.42 -15.81 10.50
CA VAL A 274 6.75 -15.57 9.96
C VAL A 274 6.77 -15.44 8.43
N ASP A 275 5.90 -16.20 7.76
CA ASP A 275 5.81 -16.14 6.31
C ASP A 275 5.00 -14.93 5.81
N SER A 276 4.61 -14.09 6.76
CA SER A 276 3.89 -12.85 6.51
C SER A 276 4.80 -11.66 6.84
N ARG A 277 5.48 -11.78 7.98
CA ARG A 277 6.42 -10.77 8.43
C ARG A 277 7.73 -10.83 7.62
N VAL A 278 7.78 -11.79 6.71
CA VAL A 278 8.93 -11.99 5.85
C VAL A 278 8.68 -11.57 4.38
N ILE A 279 7.40 -11.47 4.01
CA ILE A 279 7.05 -11.06 2.66
C ILE A 279 7.30 -9.57 2.35
N ASN A 280 8.56 -9.18 2.49
CA ASN A 280 9.07 -7.82 2.26
C ASN A 280 9.97 -7.33 3.41
N SER A 281 10.97 -8.12 3.77
CA SER A 281 11.89 -7.76 4.84
C SER A 281 11.18 -7.18 6.08
N GLY A 282 9.99 -7.69 6.38
CA GLY A 282 9.23 -7.21 7.50
C GLY A 282 8.99 -5.72 7.33
N GLN A 283 8.38 -5.35 6.20
CA GLN A 283 8.10 -3.96 5.90
C GLN A 283 6.66 -3.70 5.39
N VAL A 284 5.85 -4.75 5.36
CA VAL A 284 4.47 -4.66 4.90
C VAL A 284 3.48 -4.14 5.96
N CYS A 285 2.38 -3.53 5.51
CA CYS A 285 1.37 -2.99 6.43
C CYS A 285 0.17 -3.93 6.70
N ASN A 286 0.31 -5.21 6.36
CA ASN A 286 -0.76 -6.17 6.58
C ASN A 286 -0.40 -7.31 7.56
N CYS A 287 0.89 -7.56 7.71
CA CYS A 287 1.37 -8.64 8.57
C CYS A 287 1.63 -8.28 10.06
N ALA A 288 1.11 -9.15 10.91
CA ALA A 288 1.19 -9.02 12.36
C ALA A 288 2.41 -8.27 12.95
N GLU A 289 2.14 -7.11 13.55
CA GLU A 289 3.17 -6.31 14.19
C GLU A 289 2.93 -6.28 15.72
N ARG A 290 1.88 -6.98 16.12
CA ARG A 290 1.46 -7.15 17.51
C ARG A 290 0.94 -8.58 17.73
N VAL A 291 1.74 -9.41 18.39
CA VAL A 291 1.34 -10.79 18.62
C VAL A 291 0.83 -11.12 20.03
N TYR A 292 -0.44 -11.49 20.12
CA TYR A 292 -1.05 -11.85 21.39
C TYR A 292 -1.23 -13.38 21.53
N VAL A 293 -0.55 -13.96 22.51
CA VAL A 293 -0.60 -15.40 22.75
C VAL A 293 -1.11 -15.76 24.15
N GLN A 294 -2.13 -16.61 24.25
CA GLN A 294 -2.59 -16.96 25.58
C GLN A 294 -1.75 -18.00 26.33
N LYS A 295 -1.79 -17.90 27.66
CA LYS A 295 -1.04 -18.76 28.57
C LYS A 295 -0.94 -20.25 28.17
N GLY A 296 -2.10 -20.92 28.12
CA GLY A 296 -2.14 -22.33 27.79
C GLY A 296 -1.13 -22.84 26.78
N ILE A 297 -0.88 -22.05 25.73
CA ILE A 297 0.06 -22.45 24.69
C ILE A 297 1.29 -21.52 24.53
N TYR A 298 1.34 -20.47 25.35
CA TYR A 298 2.43 -19.51 25.32
C TYR A 298 3.84 -20.11 25.10
N ASP A 299 4.33 -20.84 26.09
CA ASP A 299 5.65 -21.47 26.02
C ASP A 299 5.94 -22.21 24.70
N GLN A 300 5.04 -23.10 24.30
CA GLN A 300 5.23 -23.81 23.05
C GLN A 300 5.34 -22.84 21.85
N PHE A 301 4.38 -21.93 21.74
CA PHE A 301 4.36 -20.96 20.65
C PHE A 301 5.63 -20.08 20.56
N VAL A 302 6.00 -19.45 21.67
CA VAL A 302 7.18 -18.60 21.69
C VAL A 302 8.47 -19.31 21.24
N ASN A 303 8.62 -20.58 21.63
CA ASN A 303 9.78 -21.35 21.23
C ASN A 303 9.83 -21.63 19.71
N ARG A 304 8.74 -22.18 19.16
CA ARG A 304 8.69 -22.43 17.73
C ARG A 304 8.88 -21.15 16.92
N LEU A 305 8.26 -20.07 17.39
CA LEU A 305 8.39 -18.79 16.71
C LEU A 305 9.85 -18.27 16.77
N GLY A 306 10.48 -18.48 17.92
CA GLY A 306 11.87 -18.05 18.08
C GLY A 306 12.77 -18.82 17.12
N GLU A 307 12.53 -20.12 16.99
CA GLU A 307 13.32 -20.93 16.09
C GLU A 307 13.12 -20.53 14.61
N ALA A 308 11.88 -20.19 14.26
CA ALA A 308 11.57 -19.77 12.90
C ALA A 308 12.31 -18.47 12.51
N MET A 309 12.38 -17.54 13.45
CA MET A 309 13.05 -16.27 13.20
C MET A 309 14.59 -16.36 13.11
N GLN A 310 15.17 -17.35 13.76
CA GLN A 310 16.62 -17.52 13.69
C GLN A 310 17.06 -17.91 12.27
N ALA A 311 16.22 -18.69 11.60
CA ALA A 311 16.47 -19.16 10.25
C ALA A 311 16.35 -18.04 9.19
N VAL A 312 15.75 -16.92 9.58
CA VAL A 312 15.59 -15.78 8.68
C VAL A 312 16.91 -15.05 8.41
N GLN A 313 17.43 -15.22 7.19
CA GLN A 313 18.68 -14.57 6.80
C GLN A 313 18.45 -13.22 6.10
N PHE A 314 19.29 -12.24 6.40
CA PHE A 314 19.17 -10.94 5.77
C PHE A 314 20.41 -10.56 4.94
N GLY A 315 20.21 -9.71 3.94
CA GLY A 315 21.32 -9.29 3.10
C GLY A 315 20.88 -8.65 1.79
N ASN A 316 21.85 -8.45 0.90
CA ASN A 316 21.60 -7.84 -0.40
C ASN A 316 20.72 -8.73 -1.32
N PRO A 317 19.48 -8.31 -1.60
CA PRO A 317 18.53 -9.04 -2.45
C PRO A 317 19.10 -9.38 -3.85
N ALA A 318 19.86 -8.45 -4.41
CA ALA A 318 20.45 -8.64 -5.73
C ALA A 318 21.53 -9.74 -5.81
N GLU A 319 22.23 -9.98 -4.70
CA GLU A 319 23.30 -10.97 -4.68
C GLU A 319 22.93 -12.29 -3.98
N ARG A 320 21.80 -12.29 -3.30
CA ARG A 320 21.33 -13.48 -2.59
C ARG A 320 19.86 -13.81 -2.88
N ASN A 321 19.63 -14.95 -3.53
CA ASN A 321 18.28 -15.39 -3.81
C ASN A 321 17.83 -16.48 -2.83
N ASP A 322 18.58 -16.58 -1.72
CA ASP A 322 18.31 -17.57 -0.69
C ASP A 322 18.04 -16.93 0.70
N ILE A 323 17.78 -15.64 0.70
CA ILE A 323 17.48 -14.91 1.92
C ILE A 323 16.00 -14.52 2.05
N ALA A 324 15.52 -14.43 3.28
CA ALA A 324 14.14 -14.07 3.53
C ALA A 324 13.93 -12.58 3.83
N MET A 325 15.03 -11.84 3.97
CA MET A 325 14.95 -10.43 4.30
C MET A 325 16.01 -9.53 3.64
N GLY A 326 15.57 -8.36 3.19
CA GLY A 326 16.47 -7.40 2.59
C GLY A 326 16.71 -6.26 3.55
N PRO A 327 17.30 -5.15 3.09
CA PRO A 327 17.55 -4.01 3.98
C PRO A 327 16.31 -3.10 4.13
N LEU A 328 16.33 -2.24 5.14
CA LEU A 328 15.25 -1.29 5.32
C LEU A 328 15.35 -0.20 4.24
N ILE A 329 14.24 0.49 3.94
CA ILE A 329 14.25 1.50 2.89
C ILE A 329 15.34 2.60 2.97
N ASN A 330 15.50 3.20 4.14
CA ASN A 330 16.50 4.25 4.30
C ASN A 330 17.06 4.41 5.73
N ALA A 331 18.02 5.33 5.88
CA ALA A 331 18.65 5.60 7.17
C ALA A 331 17.67 5.94 8.31
N ALA A 332 16.78 6.89 8.07
CA ALA A 332 15.81 7.26 9.10
C ALA A 332 14.98 6.07 9.58
N ALA A 333 14.62 5.21 8.64
CA ALA A 333 13.84 4.02 8.96
C ALA A 333 14.60 3.13 9.95
N LEU A 334 15.87 2.87 9.63
CA LEU A 334 16.73 2.07 10.48
C LEU A 334 16.87 2.69 11.89
N GLU A 335 17.16 3.99 11.92
CA GLU A 335 17.29 4.69 13.19
C GLU A 335 16.04 4.59 14.07
N ARG A 336 14.87 4.82 13.47
CA ARG A 336 13.64 4.73 14.23
C ARG A 336 13.40 3.33 14.82
N VAL A 337 13.82 2.29 14.10
CA VAL A 337 13.67 0.94 14.61
C VAL A 337 14.53 0.72 15.86
N GLU A 338 15.80 1.14 15.77
CA GLU A 338 16.71 1.03 16.91
C GLU A 338 16.14 1.69 18.17
N GLN A 339 15.78 2.96 18.00
CA GLN A 339 15.21 3.74 19.09
C GLN A 339 13.97 3.11 19.73
N LYS A 340 13.09 2.56 18.90
CA LYS A 340 11.90 1.92 19.42
C LYS A 340 12.21 0.61 20.17
N VAL A 341 13.14 -0.18 19.63
CA VAL A 341 13.53 -1.41 20.31
C VAL A 341 14.21 -1.08 21.66
N ALA A 342 15.12 -0.11 21.63
CA ALA A 342 15.79 0.32 22.84
C ALA A 342 14.79 0.81 23.90
N ARG A 343 13.90 1.71 23.50
CA ARG A 343 12.87 2.18 24.42
C ARG A 343 12.10 1.00 25.03
N ALA A 344 11.66 0.09 24.16
CA ALA A 344 10.94 -1.08 24.61
C ALA A 344 11.71 -1.83 25.71
N VAL A 345 12.99 -2.07 25.47
CA VAL A 345 13.83 -2.74 26.45
C VAL A 345 13.88 -1.98 27.79
N GLU A 346 14.16 -0.69 27.72
CA GLU A 346 14.20 0.15 28.91
C GLU A 346 12.89 0.08 29.71
N GLU A 347 11.79 -0.07 28.99
CA GLU A 347 10.48 -0.16 29.62
C GLU A 347 10.18 -1.54 30.25
N GLY A 348 11.06 -2.50 30.00
CA GLY A 348 10.89 -3.82 30.56
C GLY A 348 10.79 -4.97 29.56
N ALA A 349 10.85 -4.65 28.28
CA ALA A 349 10.78 -5.68 27.25
C ALA A 349 11.96 -6.66 27.27
N ARG A 350 11.65 -7.95 27.17
CA ARG A 350 12.68 -8.98 27.17
C ARG A 350 13.13 -9.43 25.76
N VAL A 351 14.38 -9.12 25.41
CA VAL A 351 14.90 -9.51 24.10
C VAL A 351 15.22 -11.01 23.96
N ALA A 352 14.34 -11.75 23.31
CA ALA A 352 14.52 -13.19 23.09
C ALA A 352 15.35 -13.51 21.84
N PHE A 353 15.60 -12.48 21.03
CA PHE A 353 16.36 -12.62 19.80
C PHE A 353 16.55 -11.29 19.03
N GLY A 354 17.74 -11.09 18.49
CA GLY A 354 18.03 -9.86 17.76
C GLY A 354 18.17 -8.68 18.70
N GLY A 355 17.47 -7.59 18.41
CA GLY A 355 17.52 -6.42 19.27
C GLY A 355 18.76 -5.56 19.14
N LYS A 356 19.58 -5.81 18.13
CA LYS A 356 20.80 -5.04 17.91
C LYS A 356 21.05 -4.69 16.45
N ALA A 357 20.99 -3.41 16.13
CA ALA A 357 21.20 -2.97 14.75
C ALA A 357 22.59 -3.28 14.17
N VAL A 358 22.61 -3.69 12.91
CA VAL A 358 23.85 -3.98 12.21
C VAL A 358 24.55 -2.69 11.74
N GLU A 359 25.88 -2.65 11.80
CA GLU A 359 26.60 -1.45 11.39
C GLU A 359 27.53 -1.66 10.16
N GLY A 360 27.23 -0.93 9.09
CA GLY A 360 28.01 -1.02 7.87
C GLY A 360 27.20 -0.52 6.69
N LYS A 361 27.56 -0.96 5.48
CA LYS A 361 26.85 -0.54 4.28
C LYS A 361 25.36 -0.96 4.25
N GLY A 362 24.52 -0.09 3.70
CA GLY A 362 23.10 -0.39 3.64
C GLY A 362 22.43 -0.20 4.98
N TYR A 363 21.13 -0.52 5.06
CA TYR A 363 20.39 -0.37 6.31
C TYR A 363 19.76 -1.67 6.82
N TYR A 364 20.57 -2.52 7.44
CA TYR A 364 20.07 -3.78 7.94
C TYR A 364 19.77 -3.86 9.44
N TYR A 365 18.66 -4.50 9.76
CA TYR A 365 18.26 -4.73 11.13
C TYR A 365 17.85 -6.20 11.31
N PRO A 366 18.47 -6.90 12.26
CA PRO A 366 18.16 -8.31 12.51
C PRO A 366 16.74 -8.64 13.01
N PRO A 367 16.20 -9.79 12.58
CA PRO A 367 14.86 -10.18 13.01
C PRO A 367 14.89 -10.12 14.56
N THR A 368 14.00 -9.33 15.13
CA THR A 368 13.97 -9.17 16.57
C THR A 368 12.69 -9.66 17.25
N LEU A 369 12.86 -10.46 18.29
CA LEU A 369 11.75 -10.99 19.06
C LEU A 369 11.72 -10.44 20.49
N LEU A 370 10.65 -9.73 20.83
CA LEU A 370 10.52 -9.16 22.16
C LEU A 370 9.43 -9.82 23.02
N LEU A 371 9.82 -10.26 24.21
CA LEU A 371 8.88 -10.90 25.11
C LEU A 371 8.55 -10.05 26.35
N ASP A 372 7.67 -10.55 27.21
CA ASP A 372 7.27 -9.81 28.40
C ASP A 372 6.88 -8.36 28.11
N VAL A 373 6.31 -8.14 26.92
CA VAL A 373 5.86 -6.82 26.51
C VAL A 373 4.47 -6.50 27.10
N ARG A 374 4.25 -5.24 27.42
CA ARG A 374 2.97 -4.83 27.97
C ARG A 374 2.14 -3.95 27.02
N GLN A 375 0.84 -4.20 26.94
CA GLN A 375 -0.05 -3.42 26.09
C GLN A 375 0.22 -1.91 26.22
N GLU A 376 0.69 -1.51 27.40
CA GLU A 376 1.00 -0.13 27.72
C GLU A 376 2.19 0.44 26.92
N MET A 377 3.28 -0.34 26.87
CA MET A 377 4.50 0.06 26.18
C MET A 377 4.29 0.77 24.83
N SER A 378 5.08 1.82 24.59
CA SER A 378 4.99 2.58 23.35
C SER A 378 5.25 1.78 22.07
N ILE A 379 5.93 0.64 22.20
CA ILE A 379 6.21 -0.19 21.03
C ILE A 379 4.92 -0.80 20.42
N MET A 380 3.87 -0.81 21.24
CA MET A 380 2.58 -1.32 20.81
C MET A 380 1.71 -0.26 20.12
N HIS A 381 2.19 0.98 20.16
CA HIS A 381 1.47 2.10 19.56
C HIS A 381 2.32 2.96 18.58
N GLU A 382 3.31 2.34 17.95
CA GLU A 382 4.18 3.01 16.99
C GLU A 382 4.69 2.10 15.86
N GLU A 383 4.33 2.43 14.62
CA GLU A 383 4.77 1.64 13.46
C GLU A 383 6.30 1.39 13.46
N THR A 384 6.68 0.14 13.70
CA THR A 384 8.09 -0.27 13.81
C THR A 384 8.86 -0.61 12.51
N PHE A 385 8.31 -0.28 11.35
CA PHE A 385 8.98 -0.57 10.07
C PHE A 385 9.72 -1.93 10.01
N GLY A 386 10.90 -1.97 10.61
CA GLY A 386 11.73 -3.17 10.62
C GLY A 386 11.07 -4.47 11.08
N PRO A 387 11.85 -5.56 11.16
CA PRO A 387 11.40 -6.89 11.57
C PRO A 387 11.34 -7.12 13.09
N VAL A 388 10.51 -6.34 13.78
CA VAL A 388 10.34 -6.48 15.22
C VAL A 388 8.99 -7.10 15.63
N LEU A 389 9.02 -8.23 16.33
CA LEU A 389 7.80 -8.89 16.77
C LEU A 389 7.56 -8.87 18.30
N PRO A 390 6.73 -7.94 18.77
CA PRO A 390 6.44 -7.85 20.20
C PRO A 390 5.38 -8.91 20.58
N VAL A 391 5.64 -9.65 21.65
CA VAL A 391 4.70 -10.67 22.09
C VAL A 391 4.06 -10.39 23.46
N VAL A 392 2.74 -10.51 23.51
CA VAL A 392 2.00 -10.27 24.73
C VAL A 392 1.07 -11.43 25.10
N ALA A 393 1.21 -11.93 26.32
CA ALA A 393 0.39 -13.02 26.78
C ALA A 393 -0.98 -12.55 27.30
N PHE A 394 -1.97 -13.43 27.24
CA PHE A 394 -3.30 -13.11 27.73
C PHE A 394 -4.06 -14.34 28.27
N ASP A 395 -5.10 -14.10 29.06
CA ASP A 395 -5.88 -15.19 29.63
C ASP A 395 -7.15 -15.56 28.86
N THR A 396 -8.00 -14.57 28.58
CA THR A 396 -9.23 -14.83 27.87
C THR A 396 -9.38 -14.12 26.50
N LEU A 397 -10.24 -14.68 25.65
CA LEU A 397 -10.50 -14.11 24.35
C LEU A 397 -10.82 -12.62 24.43
N GLU A 398 -11.65 -12.27 25.42
CA GLU A 398 -12.05 -10.89 25.63
C GLU A 398 -10.85 -9.95 25.87
N ASP A 399 -9.83 -10.47 26.57
CA ASP A 399 -8.62 -9.69 26.82
C ASP A 399 -7.88 -9.40 25.50
N ALA A 400 -7.70 -10.45 24.71
CA ALA A 400 -7.03 -10.34 23.42
C ALA A 400 -7.78 -9.40 22.45
N ILE A 401 -9.09 -9.60 22.32
CA ILE A 401 -9.89 -8.75 21.45
C ILE A 401 -9.82 -7.28 21.89
N SER A 402 -9.93 -7.09 23.20
CA SER A 402 -9.87 -5.75 23.78
C SER A 402 -8.53 -5.05 23.55
N MET A 403 -7.43 -5.80 23.67
CA MET A 403 -6.11 -5.24 23.44
C MET A 403 -5.82 -4.97 21.94
N ALA A 404 -6.31 -5.87 21.09
CA ALA A 404 -6.16 -5.68 19.66
C ALA A 404 -6.89 -4.39 19.20
N ASN A 405 -8.10 -4.21 19.71
CA ASN A 405 -8.89 -3.02 19.38
C ASN A 405 -8.30 -1.73 19.96
N ASP A 406 -7.46 -1.89 20.98
CA ASP A 406 -6.81 -0.74 21.62
C ASP A 406 -5.68 -0.18 20.75
N SER A 407 -6.08 0.46 19.66
CA SER A 407 -5.14 1.03 18.70
C SER A 407 -5.79 2.12 17.80
N ASP A 408 -5.01 3.13 17.43
CA ASP A 408 -5.55 4.16 16.54
C ASP A 408 -5.71 3.65 15.10
N TYR A 409 -5.18 2.46 14.86
CA TYR A 409 -5.27 1.85 13.54
C TYR A 409 -6.22 0.64 13.50
N GLY A 410 -6.88 0.47 12.36
CA GLY A 410 -7.82 -0.64 12.24
C GLY A 410 -7.93 -1.17 10.83
N LEU A 411 -6.79 -1.46 10.22
CA LEU A 411 -6.77 -1.98 8.87
C LEU A 411 -6.86 -3.53 8.78
N THR A 412 -5.89 -4.21 9.38
CA THR A 412 -5.85 -5.67 9.35
C THR A 412 -5.70 -6.37 10.72
N SER A 413 -6.32 -7.54 10.83
CA SER A 413 -6.27 -8.36 12.04
C SER A 413 -6.30 -9.88 11.73
N SER A 414 -5.95 -10.70 12.72
CA SER A 414 -5.96 -12.15 12.52
C SER A 414 -6.08 -12.97 13.82
N ILE A 415 -6.66 -14.16 13.70
CA ILE A 415 -6.81 -15.05 14.83
C ILE A 415 -6.69 -16.54 14.45
N TYR A 416 -6.13 -17.33 15.36
CA TYR A 416 -5.96 -18.76 15.15
C TYR A 416 -6.64 -19.61 16.23
N THR A 417 -7.63 -20.37 15.81
CA THR A 417 -8.40 -21.20 16.71
C THR A 417 -9.21 -22.27 15.96
N GLN A 418 -9.79 -23.21 16.69
CA GLN A 418 -10.57 -24.26 16.06
C GLN A 418 -12.02 -24.35 16.59
N ASN A 419 -12.38 -23.41 17.47
CA ASN A 419 -13.71 -23.37 18.06
C ASN A 419 -14.71 -22.43 17.32
N LEU A 420 -15.82 -22.99 16.84
CA LEU A 420 -16.81 -22.21 16.13
C LEU A 420 -17.20 -20.91 16.87
N ASN A 421 -17.51 -21.04 18.15
CA ASN A 421 -17.90 -19.89 18.95
C ASN A 421 -16.80 -18.81 19.06
N VAL A 422 -15.56 -19.26 19.24
CA VAL A 422 -14.43 -18.35 19.34
C VAL A 422 -14.26 -17.52 18.06
N ALA A 423 -14.32 -18.20 16.92
CA ALA A 423 -14.21 -17.55 15.63
C ALA A 423 -15.30 -16.48 15.41
N MET A 424 -16.56 -16.87 15.60
CA MET A 424 -17.65 -15.92 15.43
C MET A 424 -17.56 -14.75 16.43
N LYS A 425 -17.02 -15.04 17.61
CA LYS A 425 -16.86 -14.02 18.64
C LYS A 425 -15.75 -13.01 18.28
N ALA A 426 -14.64 -13.53 17.76
CA ALA A 426 -13.53 -12.69 17.33
C ALA A 426 -13.94 -11.78 16.14
N ILE A 427 -14.64 -12.37 15.18
CA ILE A 427 -15.13 -11.63 14.04
C ILE A 427 -16.03 -10.46 14.48
N LYS A 428 -16.97 -10.76 15.35
CA LYS A 428 -17.89 -9.76 15.87
C LYS A 428 -17.20 -8.70 16.77
N GLY A 429 -16.21 -9.13 17.55
CA GLY A 429 -15.53 -8.21 18.45
C GLY A 429 -14.39 -7.37 17.87
N LEU A 430 -13.69 -7.91 16.89
CA LEU A 430 -12.57 -7.19 16.27
C LEU A 430 -12.99 -6.00 15.39
N LYS A 431 -12.50 -4.80 15.74
CA LYS A 431 -12.83 -3.61 14.98
C LYS A 431 -11.78 -3.23 13.90
N PHE A 432 -11.74 -4.05 12.85
CA PHE A 432 -10.81 -3.86 11.74
C PHE A 432 -11.44 -4.04 10.35
N GLY A 433 -10.84 -3.42 9.34
CA GLY A 433 -11.36 -3.54 7.98
C GLY A 433 -11.16 -4.94 7.44
N GLU A 434 -10.26 -5.69 8.07
CA GLU A 434 -9.97 -7.05 7.65
C GLU A 434 -9.60 -8.00 8.82
N THR A 435 -10.10 -9.22 8.74
CA THR A 435 -9.81 -10.24 9.73
C THR A 435 -9.48 -11.59 9.10
N TYR A 436 -8.23 -12.02 9.26
CA TYR A 436 -7.80 -13.30 8.72
C TYR A 436 -7.89 -14.45 9.73
N ILE A 437 -8.57 -15.51 9.34
CA ILE A 437 -8.72 -16.67 10.22
C ILE A 437 -7.94 -17.92 9.74
N ASN A 438 -7.00 -18.36 10.58
CA ASN A 438 -6.18 -19.53 10.30
C ASN A 438 -5.45 -19.53 8.94
N ARG A 439 -4.82 -18.40 8.64
CA ARG A 439 -4.04 -18.20 7.41
C ARG A 439 -3.22 -16.90 7.49
N GLU A 440 -2.30 -16.69 6.55
CA GLU A 440 -1.49 -15.49 6.57
C GLU A 440 -2.20 -14.23 5.99
N ASN A 441 -1.71 -13.06 6.35
CA ASN A 441 -2.30 -11.80 5.89
C ASN A 441 -1.90 -11.37 4.46
N PHE A 442 -2.90 -11.27 3.59
CA PHE A 442 -2.72 -10.84 2.20
C PHE A 442 -4.08 -10.66 1.47
N GLU A 443 -4.45 -9.41 1.23
CA GLU A 443 -5.72 -9.10 0.58
C GLU A 443 -5.88 -9.55 -0.89
N ALA A 444 -7.05 -10.09 -1.19
CA ALA A 444 -7.38 -10.52 -2.54
C ALA A 444 -7.82 -9.32 -3.41
N MET A 445 -7.56 -9.39 -4.71
CA MET A 445 -7.96 -8.29 -5.57
C MET A 445 -9.48 -8.04 -5.60
N GLN A 446 -10.27 -9.09 -5.33
CA GLN A 446 -11.72 -8.95 -5.30
C GLN A 446 -12.29 -8.57 -3.90
N GLY A 447 -11.41 -8.36 -2.92
CA GLY A 447 -11.88 -7.98 -1.60
C GLY A 447 -11.99 -6.47 -1.49
N PHE A 448 -11.90 -5.96 -0.28
CA PHE A 448 -11.94 -4.52 -0.06
C PHE A 448 -10.99 -4.09 1.06
N HIS A 449 -9.82 -3.60 0.64
CA HIS A 449 -8.80 -3.14 1.56
C HIS A 449 -9.12 -1.71 2.03
N ALA A 450 -9.78 -1.63 3.18
CA ALA A 450 -10.18 -0.36 3.76
C ALA A 450 -9.97 -0.33 5.29
N GLY A 451 -9.20 0.63 5.76
CA GLY A 451 -8.91 0.70 7.17
C GLY A 451 -9.84 1.54 8.03
N TRP A 452 -10.05 1.06 9.24
CA TRP A 452 -10.87 1.76 10.22
C TRP A 452 -10.02 2.80 10.97
N ARG A 453 -10.68 3.70 11.70
CA ARG A 453 -9.96 4.72 12.45
C ARG A 453 -8.88 5.46 11.62
N LYS A 454 -7.66 5.59 12.14
CA LYS A 454 -6.62 6.29 11.40
C LYS A 454 -5.97 5.53 10.23
N SER A 455 -6.37 4.28 10.04
CA SER A 455 -5.84 3.48 8.94
C SER A 455 -6.26 4.04 7.56
N GLY A 456 -7.25 4.93 7.55
CA GLY A 456 -7.65 5.51 6.29
C GLY A 456 -9.06 6.02 6.07
N ILE A 457 -9.31 6.37 4.81
CA ILE A 457 -10.59 6.84 4.34
C ILE A 457 -10.89 6.25 2.95
N GLY A 458 -12.09 5.72 2.78
CA GLY A 458 -12.44 5.09 1.53
C GLY A 458 -11.72 3.75 1.52
N GLY A 459 -11.28 3.31 0.35
CA GLY A 459 -10.60 2.04 0.28
C GLY A 459 -10.18 1.65 -1.11
N ALA A 460 -9.60 0.46 -1.23
CA ALA A 460 -9.15 -0.05 -2.52
C ALA A 460 -9.49 -1.54 -2.79
N ASP A 461 -9.45 -1.91 -4.06
CA ASP A 461 -9.72 -3.26 -4.54
C ASP A 461 -11.21 -3.63 -4.68
N GLY A 462 -11.46 -4.65 -5.50
CA GLY A 462 -12.82 -5.13 -5.72
C GLY A 462 -13.81 -4.10 -6.20
N LYS A 463 -15.09 -4.46 -6.10
CA LYS A 463 -16.16 -3.57 -6.53
C LYS A 463 -16.18 -2.22 -5.79
N HIS A 464 -16.00 -2.27 -4.48
CA HIS A 464 -16.02 -1.06 -3.68
C HIS A 464 -14.81 -0.14 -3.96
N GLY A 465 -13.68 -0.74 -4.29
CA GLY A 465 -12.50 0.04 -4.62
C GLY A 465 -12.78 0.74 -5.94
N LEU A 466 -13.43 0.03 -6.87
CA LEU A 466 -13.76 0.62 -8.16
C LEU A 466 -14.73 1.80 -8.01
N HIS A 467 -15.71 1.63 -7.13
CA HIS A 467 -16.70 2.67 -6.89
C HIS A 467 -16.14 3.96 -6.29
N GLU A 468 -14.98 3.89 -5.65
CA GLU A 468 -14.36 5.10 -5.11
C GLU A 468 -14.08 6.12 -6.24
N TYR A 469 -13.95 5.61 -7.46
CA TYR A 469 -13.67 6.45 -8.62
C TYR A 469 -14.91 6.85 -9.44
N LEU A 470 -16.06 6.65 -8.82
CA LEU A 470 -17.32 6.99 -9.44
C LEU A 470 -18.18 7.87 -8.55
N GLN A 471 -18.98 8.71 -9.17
CA GLN A 471 -19.92 9.55 -8.44
C GLN A 471 -21.28 9.49 -9.11
N THR A 472 -22.31 9.79 -8.36
CA THR A 472 -23.65 9.69 -8.90
C THR A 472 -24.28 10.94 -9.46
N GLN A 473 -25.08 10.72 -10.49
CA GLN A 473 -25.88 11.77 -11.10
C GLN A 473 -27.34 11.30 -11.10
N VAL A 474 -28.14 11.84 -10.19
CA VAL A 474 -29.54 11.46 -10.09
C VAL A 474 -30.45 12.31 -10.97
N VAL A 475 -31.06 11.66 -11.95
CA VAL A 475 -31.95 12.34 -12.87
C VAL A 475 -33.46 12.10 -12.59
N TYR A 476 -34.17 13.19 -12.34
CA TYR A 476 -35.60 13.10 -12.13
C TYR A 476 -36.34 13.46 -13.42
N LEU A 477 -36.66 12.44 -14.19
CA LEU A 477 -37.34 12.63 -15.47
C LEU A 477 -38.89 12.60 -15.32
N GLN A 478 -39.48 13.79 -15.29
CA GLN A 478 -40.93 13.92 -15.14
C GLN A 478 -41.74 13.77 -16.45
N SER A 479 -42.66 12.82 -16.45
CA SER A 479 -43.51 12.54 -17.61
C SER A 479 -42.77 11.97 -18.82
#